data_3G3T
#
_entry.id   3G3T
#
_cell.length_a   136.110
_cell.length_b   136.110
_cell.length_c   84.200
_cell.angle_alpha   90.00
_cell.angle_beta   90.00
_cell.angle_gamma   120.00
#
_symmetry.space_group_name_H-M   'P 63 2 2'
#
loop_
_entity.id
_entity.type
_entity.pdbx_description
1 polymer 'Vacuolar transporter chaperone 4'
2 non-polymer 'PHOSPHATE ION'
3 non-polymer 1,2-ETHANEDIOL
4 water water
#
_entity_poly.entity_id   1
_entity_poly.type   'polypeptide(L)'
_entity_poly.pdbx_seq_one_letter_code
;GAMGKQQNFVRQTTKYWVHPDNITELKLIILKHLPVLVFNTNKEFEREDSAITSIYFDNENLDLYYGRLRKDEGAEAHRL
RWYGGMSTDTIFVERKTHREDWTGEKSVKARFALKERHVNDFLKGKYTVDQVFAKMRKEGKKPMNEIENLEALASEIQYV
MLKKKLRPVVRSFYNRTAFQLPGDARVRISLDTELTMVREDNFDGVDRTHKNWRRTDIGVDWPFKQLDDKDICRFPYAVL
EVKLQTQLGQEPPEWVRELVGSHLVEPVPKFSKFIHGVATLLNDKVDSIPFWLPQ
;
_entity_poly.pdbx_strand_id   A
#
loop_
_chem_comp.id
_chem_comp.type
_chem_comp.name
_chem_comp.formula
EDO non-polymer 1,2-ETHANEDIOL 'C2 H6 O2'
PO4 non-polymer 'PHOSPHATE ION' 'O4 P -3'
#
# COMPACT_ATOMS: atom_id res chain seq x y z
N PHE A 9 -23.99 -3.59 17.30
CA PHE A 9 -23.73 -4.25 16.02
C PHE A 9 -22.38 -4.97 16.00
N VAL A 10 -22.24 -5.90 15.07
CA VAL A 10 -21.02 -6.67 14.91
C VAL A 10 -20.38 -6.28 13.58
N ARG A 11 -19.07 -6.19 13.53
CA ARG A 11 -18.38 -5.86 12.29
C ARG A 11 -17.80 -7.11 11.63
N GLN A 12 -17.62 -7.03 10.32
CA GLN A 12 -16.92 -8.07 9.58
C GLN A 12 -16.27 -7.34 8.43
N THR A 13 -15.00 -7.63 8.18
CA THR A 13 -14.32 -7.13 6.98
CA THR A 13 -14.32 -7.13 6.98
C THR A 13 -13.76 -8.33 6.24
N THR A 14 -14.07 -8.43 4.95
CA THR A 14 -13.64 -9.60 4.19
C THR A 14 -13.14 -9.15 2.83
N LYS A 15 -12.07 -9.79 2.35
CA LYS A 15 -11.52 -9.50 1.03
C LYS A 15 -11.76 -10.70 0.12
N TYR A 16 -11.99 -10.43 -1.16
CA TYR A 16 -12.29 -11.48 -2.14
C TYR A 16 -11.48 -11.21 -3.37
N TRP A 17 -11.02 -12.25 -4.04
CA TRP A 17 -10.39 -12.04 -5.33
CA TRP A 17 -10.39 -12.07 -5.34
C TRP A 17 -11.42 -12.19 -6.45
N VAL A 18 -11.23 -11.44 -7.52
CA VAL A 18 -12.16 -11.37 -8.62
C VAL A 18 -11.39 -11.52 -9.92
N HIS A 19 -11.87 -12.36 -10.82
CA HIS A 19 -11.21 -12.45 -12.14
C HIS A 19 -11.34 -11.10 -12.83
N PRO A 20 -10.26 -10.62 -13.48
CA PRO A 20 -10.34 -9.30 -14.11
C PRO A 20 -11.53 -9.16 -15.06
N ASP A 21 -11.84 -10.18 -15.85
CA ASP A 21 -12.91 -10.04 -16.83
C ASP A 21 -14.33 -10.18 -16.28
N ASN A 22 -14.44 -10.20 -14.95
CA ASN A 22 -15.73 -10.09 -14.28
C ASN A 22 -15.91 -8.73 -13.61
N ILE A 23 -14.95 -7.84 -13.79
CA ILE A 23 -15.01 -6.52 -13.13
C ILE A 23 -16.28 -5.73 -13.47
N THR A 24 -16.59 -5.62 -14.76
CA THR A 24 -17.71 -4.78 -15.17
C THR A 24 -19.03 -5.33 -14.63
N GLU A 25 -19.19 -6.63 -14.73
CA GLU A 25 -20.38 -7.30 -14.24
C GLU A 25 -20.54 -7.11 -12.73
N LEU A 26 -19.43 -7.22 -12.01
CA LEU A 26 -19.44 -7.00 -10.57
C LEU A 26 -19.79 -5.56 -10.20
N LYS A 27 -19.21 -4.59 -10.91
CA LYS A 27 -19.50 -3.19 -10.60
C LYS A 27 -20.98 -2.90 -10.84
N LEU A 28 -21.53 -3.49 -11.89
CA LEU A 28 -22.93 -3.25 -12.22
C LEU A 28 -23.85 -3.73 -11.10
N ILE A 29 -23.52 -4.88 -10.54
CA ILE A 29 -24.29 -5.44 -9.43
C ILE A 29 -24.21 -4.57 -8.19
N ILE A 30 -23.00 -4.11 -7.87
CA ILE A 30 -22.82 -3.28 -6.68
C ILE A 30 -23.60 -2.00 -6.85
N LEU A 31 -23.55 -1.43 -8.05
CA LEU A 31 -24.15 -0.14 -8.31
C LEU A 31 -25.68 -0.15 -8.22
N LYS A 32 -26.28 -1.32 -8.39
CA LYS A 32 -27.72 -1.46 -8.15
C LYS A 32 -28.06 -1.11 -6.70
N HIS A 33 -27.08 -1.22 -5.81
CA HIS A 33 -27.35 -1.14 -4.38
C HIS A 33 -26.62 -0.01 -3.67
N LEU A 34 -25.39 0.25 -4.06
CA LEU A 34 -24.58 1.28 -3.41
C LEU A 34 -24.00 2.19 -4.47
N PRO A 35 -24.10 3.51 -4.28
CA PRO A 35 -23.52 4.44 -5.27
C PRO A 35 -22.03 4.63 -5.03
N VAL A 36 -21.31 5.01 -6.09
CA VAL A 36 -19.88 5.28 -5.94
C VAL A 36 -19.69 6.49 -5.03
N LEU A 37 -18.72 6.39 -4.12
CA LEU A 37 -18.42 7.45 -3.17
C LEU A 37 -17.55 8.51 -3.83
N GLU A 46 -10.40 13.78 -12.24
CA GLU A 46 -9.95 12.96 -13.36
C GLU A 46 -9.90 11.49 -12.95
N ARG A 47 -9.61 10.62 -13.92
CA ARG A 47 -9.50 9.19 -13.66
C ARG A 47 -8.34 8.92 -12.69
N GLU A 48 -7.39 9.85 -12.64
CA GLU A 48 -6.20 9.69 -11.83
C GLU A 48 -6.45 9.75 -10.34
N ASP A 49 -7.58 10.34 -9.94
CA ASP A 49 -7.89 10.51 -8.53
C ASP A 49 -7.94 9.18 -7.75
N SER A 50 -8.30 8.11 -8.44
CA SER A 50 -8.49 6.81 -7.79
C SER A 50 -7.16 6.05 -7.60
N ALA A 51 -6.07 6.59 -8.11
CA ALA A 51 -4.78 5.87 -8.07
C ALA A 51 -4.22 5.81 -6.66
N ILE A 52 -3.59 4.68 -6.33
CA ILE A 52 -2.81 4.60 -5.10
C ILE A 52 -1.49 3.95 -5.46
N THR A 53 -0.38 4.63 -5.18
CA THR A 53 0.94 4.12 -5.57
C THR A 53 1.83 4.10 -4.35
N SER A 54 2.58 3.01 -4.18
CA SER A 54 3.48 2.91 -3.04
C SER A 54 4.84 2.44 -3.55
N ILE A 55 5.91 3.07 -3.07
CA ILE A 55 7.25 2.64 -3.45
C ILE A 55 7.87 1.93 -2.27
N TYR A 56 8.10 0.62 -2.40
CA TYR A 56 8.71 -0.14 -1.31
C TYR A 56 10.20 -0.10 -1.39
N PHE A 57 10.86 0.07 -0.24
CA PHE A 57 12.30 0.17 -0.17
C PHE A 57 12.92 -1.13 0.37
N ASP A 58 14.10 -1.50 -0.14
CA ASP A 58 14.85 -2.60 0.45
C ASP A 58 16.32 -2.44 0.04
N ASN A 59 17.16 -3.38 0.41
CA ASN A 59 18.55 -3.26 0.00
C ASN A 59 19.00 -4.40 -0.93
N GLU A 60 20.27 -4.42 -1.30
CA GLU A 60 20.79 -5.44 -2.21
C GLU A 60 20.63 -6.85 -1.68
N ASN A 61 20.67 -7.02 -0.36
CA ASN A 61 20.48 -8.36 0.22
C ASN A 61 19.01 -8.72 0.42
N LEU A 62 18.13 -7.79 0.07
CA LEU A 62 16.71 -7.95 0.29
C LEU A 62 16.39 -8.27 1.74
N ASP A 63 17.11 -7.61 2.65
CA ASP A 63 16.93 -7.85 4.07
C ASP A 63 15.47 -7.65 4.53
N LEU A 64 14.81 -6.59 4.07
CA LEU A 64 13.45 -6.31 4.53
CA LEU A 64 13.46 -6.31 4.54
C LEU A 64 12.46 -7.35 4.03
N TYR A 65 12.62 -7.74 2.77
CA TYR A 65 11.82 -8.81 2.16
C TYR A 65 11.90 -10.08 3.01
N TYR A 66 13.10 -10.54 3.33
CA TYR A 66 13.25 -11.79 4.07
C TYR A 66 12.69 -11.64 5.49
N GLY A 67 12.87 -10.47 6.08
CA GLY A 67 12.35 -10.22 7.42
C GLY A 67 10.84 -10.31 7.46
N ARG A 68 10.20 -9.80 6.41
CA ARG A 68 8.74 -9.79 6.34
C ARG A 68 8.21 -11.17 5.98
N LEU A 69 8.89 -11.84 5.05
CA LEU A 69 8.53 -13.19 4.63
C LEU A 69 8.51 -14.17 5.81
N ARG A 70 9.55 -14.08 6.64
CA ARG A 70 9.62 -15.01 7.76
CA ARG A 70 9.75 -14.93 7.82
C ARG A 70 9.02 -14.44 9.04
N LYS A 71 8.40 -13.27 8.94
CA LYS A 71 7.71 -12.68 10.07
C LYS A 71 8.60 -12.57 11.31
N ASP A 72 9.83 -12.13 11.11
CA ASP A 72 10.72 -11.91 12.25
C ASP A 72 10.07 -10.93 13.23
N GLU A 73 10.28 -11.14 14.52
CA GLU A 73 9.82 -10.18 15.52
C GLU A 73 10.46 -8.83 15.19
N GLY A 74 9.64 -7.78 15.05
CA GLY A 74 10.17 -6.47 14.74
C GLY A 74 10.38 -6.16 13.27
N ALA A 75 10.10 -7.11 12.38
CA ALA A 75 10.38 -6.92 10.95
C ALA A 75 9.64 -5.70 10.38
N GLU A 76 10.40 -4.77 9.79
CA GLU A 76 9.81 -3.56 9.23
C GLU A 76 9.62 -3.65 7.72
N ALA A 77 8.58 -2.99 7.24
CA ALA A 77 8.45 -2.73 5.81
C ALA A 77 8.35 -1.23 5.66
N HIS A 78 9.04 -0.69 4.67
CA HIS A 78 9.09 0.76 4.45
C HIS A 78 8.55 1.09 3.08
N ARG A 79 7.56 1.97 3.02
CA ARG A 79 7.07 2.38 1.71
C ARG A 79 6.65 3.84 1.70
N LEU A 80 6.83 4.48 0.55
CA LEU A 80 6.39 5.85 0.35
C LEU A 80 5.18 5.85 -0.57
N ARG A 81 4.07 6.38 -0.10
CA ARG A 81 2.79 6.28 -0.82
C ARG A 81 2.21 7.64 -1.18
N TRP A 82 1.60 7.74 -2.36
CA TRP A 82 0.81 8.93 -2.62
C TRP A 82 -0.51 8.53 -3.25
N TYR A 83 -1.50 9.39 -3.08
CA TYR A 83 -2.83 9.13 -3.62
C TYR A 83 -3.05 10.07 -4.79
N GLY A 84 -3.57 9.53 -5.88
CA GLY A 84 -3.88 10.35 -7.05
C GLY A 84 -2.74 10.45 -8.05
N GLY A 85 -2.83 11.45 -8.91
CA GLY A 85 -1.90 11.62 -10.02
C GLY A 85 -0.57 12.25 -9.65
N MET A 86 0.19 12.60 -10.68
CA MET A 86 1.56 13.07 -10.46
C MET A 86 1.64 14.52 -9.94
N SER A 87 0.50 15.21 -9.86
CA SER A 87 0.49 16.55 -9.28
CA SER A 87 0.52 16.55 -9.29
C SER A 87 0.31 16.50 -7.78
N THR A 88 0.09 15.31 -7.23
CA THR A 88 -0.07 15.19 -5.79
C THR A 88 1.26 15.49 -5.12
N ASP A 89 1.27 16.39 -4.15
CA ASP A 89 2.57 16.73 -3.55
CA ASP A 89 2.50 16.87 -3.49
C ASP A 89 2.72 16.23 -2.12
N THR A 90 1.66 15.68 -1.54
CA THR A 90 1.77 15.05 -0.23
C THR A 90 2.21 13.60 -0.37
N ILE A 91 3.37 13.30 0.18
CA ILE A 91 3.87 11.93 0.16
C ILE A 91 3.83 11.36 1.56
N PHE A 92 3.26 10.17 1.71
CA PHE A 92 3.21 9.56 3.02
C PHE A 92 4.36 8.60 3.21
N VAL A 93 5.17 8.86 4.23
CA VAL A 93 6.29 8.01 4.56
C VAL A 93 5.78 7.03 5.60
N GLU A 94 5.73 5.75 5.24
CA GLU A 94 5.04 4.74 6.04
C GLU A 94 5.95 3.60 6.46
N ARG A 95 5.70 3.10 7.67
CA ARG A 95 6.42 1.95 8.19
C ARG A 95 5.46 0.98 8.85
N LYS A 96 5.54 -0.29 8.49
CA LYS A 96 4.81 -1.33 9.19
C LYS A 96 5.82 -2.09 10.01
N THR A 97 5.44 -2.47 11.22
CA THR A 97 6.31 -3.28 12.07
C THR A 97 5.55 -4.51 12.55
N HIS A 98 6.11 -5.68 12.23
CA HIS A 98 5.50 -6.93 12.68
C HIS A 98 5.87 -7.21 14.14
N ARG A 99 4.88 -7.56 14.94
CA ARG A 99 5.12 -8.07 16.28
C ARG A 99 4.56 -9.48 16.40
N GLU A 100 5.33 -10.38 17.00
CA GLU A 100 4.90 -11.75 17.24
C GLU A 100 3.91 -11.78 18.40
N ASP A 101 2.96 -12.71 18.34
CA ASP A 101 1.95 -12.82 19.38
C ASP A 101 2.58 -12.96 20.76
N TRP A 102 3.73 -13.64 20.83
CA TRP A 102 4.32 -13.90 22.14
C TRP A 102 4.76 -12.64 22.88
N THR A 103 4.91 -11.54 22.15
CA THR A 103 5.31 -10.27 22.76
C THR A 103 4.17 -9.64 23.55
N GLY A 104 2.94 -10.03 23.22
CA GLY A 104 1.78 -9.41 23.82
C GLY A 104 1.42 -8.08 23.18
N GLU A 105 2.19 -7.69 22.16
CA GLU A 105 1.92 -6.46 21.42
C GLU A 105 1.31 -6.79 20.05
N LYS A 106 0.56 -5.84 19.50
CA LYS A 106 0.03 -5.98 18.15
C LYS A 106 0.99 -5.36 17.13
N SER A 107 0.97 -5.88 15.90
CA SER A 107 1.75 -5.27 14.84
C SER A 107 1.25 -3.84 14.64
N VAL A 108 2.12 -2.97 14.12
CA VAL A 108 1.84 -1.54 14.05
CA VAL A 108 1.76 -1.57 14.01
C VAL A 108 2.05 -0.98 12.64
N LYS A 109 1.24 -0.01 12.26
CA LYS A 109 1.41 0.71 11.01
C LYS A 109 1.51 2.17 11.42
N ALA A 110 2.42 2.93 10.82
CA ALA A 110 2.56 4.35 11.17
C ALA A 110 3.00 5.14 9.96
N ARG A 111 2.67 6.42 9.92
CA ARG A 111 3.05 7.25 8.78
C ARG A 111 3.16 8.71 9.16
N PHE A 112 3.89 9.45 8.35
CA PHE A 112 3.85 10.91 8.41
C PHE A 112 3.94 11.50 7.01
N ALA A 113 3.40 12.70 6.84
CA ALA A 113 3.32 13.35 5.55
C ALA A 113 4.51 14.24 5.30
N LEU A 114 4.99 14.24 4.05
CA LEU A 114 6.10 15.08 3.61
C LEU A 114 5.78 15.67 2.26
N LYS A 115 6.12 16.95 2.04
CA LYS A 115 6.05 17.48 0.68
C LYS A 115 7.06 16.78 -0.21
N GLU A 116 6.69 16.53 -1.46
CA GLU A 116 7.49 15.75 -2.39
C GLU A 116 8.89 16.31 -2.57
N ARG A 117 9.01 17.62 -2.66
CA ARG A 117 10.33 18.22 -2.82
C ARG A 117 11.32 17.97 -1.65
N HIS A 118 10.83 17.52 -0.50
CA HIS A 118 11.72 17.21 0.62
C HIS A 118 12.07 15.72 0.72
N VAL A 119 11.43 14.88 -0.08
CA VAL A 119 11.59 13.43 0.14
C VAL A 119 13.04 12.93 0.00
N ASN A 120 13.67 13.20 -1.13
CA ASN A 120 15.05 12.73 -1.34
C ASN A 120 15.97 13.22 -0.24
N ASP A 121 15.81 14.49 0.11
CA ASP A 121 16.68 15.10 1.13
C ASP A 121 16.46 14.50 2.50
N PHE A 122 15.20 14.24 2.84
CA PHE A 122 14.88 13.61 4.10
C PHE A 122 15.51 12.23 4.19
N LEU A 123 15.39 11.46 3.12
CA LEU A 123 15.83 10.07 3.17
C LEU A 123 17.34 9.99 3.31
N LYS A 124 18.00 11.07 2.88
CA LYS A 124 19.45 11.20 2.86
C LYS A 124 19.98 11.83 4.15
N GLY A 125 19.07 12.38 4.95
CA GLY A 125 19.43 13.08 6.17
C GLY A 125 19.78 14.56 5.98
N LYS A 126 19.65 15.05 4.76
CA LYS A 126 19.90 16.46 4.43
C LYS A 126 18.79 17.39 4.92
N TYR A 127 17.57 16.84 4.96
CA TYR A 127 16.43 17.51 5.56
C TYR A 127 16.21 16.78 6.88
N THR A 128 16.37 17.48 8.01
CA THR A 128 16.41 16.84 9.30
C THR A 128 15.03 16.65 9.87
N VAL A 129 14.93 15.76 10.86
CA VAL A 129 13.69 15.57 11.61
C VAL A 129 13.18 16.91 12.16
N ASP A 130 14.06 17.68 12.78
CA ASP A 130 13.62 18.98 13.30
C ASP A 130 13.00 19.84 12.19
N GLN A 131 13.61 19.84 11.01
CA GLN A 131 13.07 20.58 9.88
C GLN A 131 11.70 20.05 9.43
N VAL A 132 11.56 18.74 9.40
CA VAL A 132 10.29 18.15 8.98
C VAL A 132 9.14 18.67 9.83
N PHE A 133 9.37 18.77 11.13
CA PHE A 133 8.28 19.02 12.05
C PHE A 133 8.23 20.44 12.60
N ALA A 134 9.07 21.33 12.06
CA ALA A 134 9.13 22.72 12.54
C ALA A 134 7.79 23.43 12.46
N LYS A 135 7.20 23.46 11.28
CA LYS A 135 5.93 24.19 11.09
C LYS A 135 4.79 23.61 11.92
N MET A 136 4.71 22.29 12.02
CA MET A 136 3.64 21.69 12.81
C MET A 136 3.86 21.91 14.31
N ARG A 137 5.11 22.09 14.72
CA ARG A 137 5.38 22.47 16.11
C ARG A 137 4.98 23.94 16.32
N LYS A 138 5.30 24.78 15.34
CA LYS A 138 4.97 26.20 15.41
C LYS A 138 3.47 26.46 15.55
N GLU A 139 2.66 25.72 14.79
CA GLU A 139 1.22 25.93 14.79
C GLU A 139 0.55 25.24 15.99
N GLY A 140 1.33 24.43 16.70
CA GLY A 140 0.87 23.76 17.91
C GLY A 140 -0.55 23.23 17.87
N LYS A 141 -1.04 22.91 16.68
CA LYS A 141 -2.38 22.36 16.54
C LYS A 141 -2.41 20.89 16.95
N LYS A 142 -1.28 20.21 16.78
CA LYS A 142 -1.15 18.80 17.13
C LYS A 142 -0.60 18.66 18.56
N PRO A 143 -1.22 17.78 19.36
CA PRO A 143 -0.72 17.55 20.72
C PRO A 143 0.76 17.17 20.69
N MET A 144 1.55 17.77 21.57
CA MET A 144 3.00 17.58 21.52
C MET A 144 3.44 16.12 21.63
N ASN A 145 2.68 15.32 22.37
CA ASN A 145 3.03 13.90 22.51
C ASN A 145 2.95 13.16 21.18
N GLU A 146 2.00 13.58 20.34
CA GLU A 146 1.85 13.02 19.00
C GLU A 146 3.01 13.45 18.11
N ILE A 147 3.43 14.70 18.25
CA ILE A 147 4.56 15.21 17.50
C ILE A 147 5.83 14.47 17.88
N GLU A 148 6.00 14.23 19.18
CA GLU A 148 7.13 13.45 19.67
C GLU A 148 7.13 12.05 19.05
N ASN A 149 5.95 11.45 19.00
CA ASN A 149 5.78 10.13 18.43
C ASN A 149 6.21 10.13 16.96
N LEU A 150 5.78 11.15 16.23
CA LEU A 150 6.11 11.27 14.82
C LEU A 150 7.59 11.56 14.62
N GLU A 151 8.21 12.24 15.57
CA GLU A 151 9.64 12.50 15.47
C GLU A 151 10.46 11.24 15.64
N ALA A 152 10.07 10.39 16.59
CA ALA A 152 10.75 9.13 16.83
C ALA A 152 10.62 8.27 15.59
N LEU A 153 9.43 8.27 15.00
CA LEU A 153 9.15 7.53 13.78
C LEU A 153 10.03 7.99 12.62
N ALA A 154 10.01 9.28 12.34
CA ALA A 154 10.82 9.84 11.26
C ALA A 154 12.31 9.56 11.44
N SER A 155 12.82 9.73 12.66
CA SER A 155 14.23 9.47 12.92
C SER A 155 14.59 8.02 12.67
N GLU A 156 13.72 7.12 13.09
CA GLU A 156 14.02 5.68 12.99
C GLU A 156 13.98 5.23 11.54
N ILE A 157 13.12 5.87 10.75
CA ILE A 157 13.07 5.59 9.32
C ILE A 157 14.34 6.11 8.67
N GLN A 158 14.70 7.35 8.99
CA GLN A 158 15.92 7.93 8.46
C GLN A 158 17.09 7.02 8.79
N TYR A 159 17.12 6.50 10.02
CA TYR A 159 18.23 5.66 10.44
C TYR A 159 18.33 4.36 9.63
N VAL A 160 17.22 3.63 9.50
CA VAL A 160 17.27 2.36 8.80
C VAL A 160 17.58 2.59 7.33
N MET A 161 17.10 3.71 6.78
CA MET A 161 17.40 4.01 5.38
C MET A 161 18.91 4.07 5.16
N LEU A 162 19.61 4.70 6.10
CA LEU A 162 21.05 4.82 6.01
C LEU A 162 21.77 3.55 6.42
N LYS A 163 21.39 2.99 7.58
CA LYS A 163 22.12 1.86 8.14
C LYS A 163 22.01 0.63 7.25
N LYS A 164 20.83 0.42 6.69
CA LYS A 164 20.62 -0.78 5.88
CA LYS A 164 20.58 -0.77 5.87
C LYS A 164 20.78 -0.49 4.38
N LYS A 165 21.21 0.74 4.06
CA LYS A 165 21.41 1.14 2.66
C LYS A 165 20.23 0.83 1.76
N LEU A 166 19.05 1.27 2.20
CA LEU A 166 17.81 1.03 1.44
C LEU A 166 17.70 1.92 0.21
N ARG A 167 16.98 1.42 -0.79
CA ARG A 167 16.71 2.20 -2.00
C ARG A 167 15.37 1.73 -2.54
N PRO A 168 14.80 2.46 -3.50
CA PRO A 168 13.54 1.98 -4.08
C PRO A 168 13.72 0.61 -4.72
N VAL A 169 12.79 -0.31 -4.51
CA VAL A 169 12.93 -1.64 -5.08
C VAL A 169 11.71 -2.07 -5.90
N VAL A 170 10.52 -1.92 -5.34
CA VAL A 170 9.32 -2.23 -6.11
C VAL A 170 8.16 -1.27 -5.83
N ARG A 171 7.45 -0.91 -6.88
CA ARG A 171 6.24 -0.08 -6.77
C ARG A 171 5.01 -0.95 -6.83
N SER A 172 4.01 -0.66 -5.99
CA SER A 172 2.70 -1.27 -6.16
C SER A 172 1.78 -0.15 -6.64
N PHE A 173 0.89 -0.47 -7.58
CA PHE A 173 -0.09 0.48 -8.06
C PHE A 173 -1.42 -0.22 -8.11
N TYR A 174 -2.48 0.50 -7.78
CA TYR A 174 -3.82 0.02 -8.10
C TYR A 174 -4.77 1.20 -8.09
N ASN A 175 -5.97 0.99 -8.62
CA ASN A 175 -7.04 1.98 -8.57
C ASN A 175 -8.05 1.50 -7.56
N ARG A 176 -8.51 2.39 -6.69
CA ARG A 176 -9.51 2.03 -5.71
CA ARG A 176 -9.51 2.04 -5.69
C ARG A 176 -10.79 2.84 -5.93
N THR A 177 -11.92 2.15 -5.96
CA THR A 177 -13.23 2.79 -6.06
C THR A 177 -14.03 2.34 -4.84
N ALA A 178 -14.75 3.27 -4.21
CA ALA A 178 -15.51 2.91 -3.02
C ALA A 178 -17.00 3.16 -3.25
N PHE A 179 -17.84 2.31 -2.64
CA PHE A 179 -19.29 2.39 -2.83
C PHE A 179 -19.95 2.42 -1.47
N GLN A 180 -20.92 3.30 -1.28
CA GLN A 180 -21.41 3.58 0.06
C GLN A 180 -22.69 4.37 -0.06
N LEU A 181 -23.71 4.04 0.74
CA LEU A 181 -24.87 4.92 0.89
C LEU A 181 -24.60 5.83 2.08
N PRO A 182 -24.81 7.14 1.91
CA PRO A 182 -24.54 8.01 3.06
C PRO A 182 -25.48 7.68 4.22
N GLY A 183 -24.94 7.64 5.43
CA GLY A 183 -25.75 7.38 6.60
C GLY A 183 -26.19 5.95 6.80
N ASP A 184 -25.69 5.04 5.98
CA ASP A 184 -26.01 3.62 6.13
C ASP A 184 -24.71 2.84 6.10
N ALA A 185 -24.30 2.32 7.25
CA ALA A 185 -23.03 1.60 7.34
C ALA A 185 -23.20 0.09 7.36
N ARG A 186 -24.42 -0.38 7.06
CA ARG A 186 -24.65 -1.81 7.05
C ARG A 186 -23.68 -2.51 6.09
N VAL A 187 -23.47 -1.92 4.92
CA VAL A 187 -22.50 -2.46 3.98
CA VAL A 187 -22.55 -2.47 3.93
C VAL A 187 -21.76 -1.36 3.25
N ARG A 188 -20.43 -1.47 3.25
CA ARG A 188 -19.59 -0.55 2.49
C ARG A 188 -18.61 -1.39 1.70
N ILE A 189 -18.37 -1.00 0.46
CA ILE A 189 -17.55 -1.85 -0.42
C ILE A 189 -16.47 -1.03 -1.11
N SER A 190 -15.29 -1.61 -1.27
CA SER A 190 -14.30 -1.03 -2.17
C SER A 190 -13.86 -2.08 -3.18
N LEU A 191 -13.43 -1.62 -4.35
CA LEU A 191 -12.95 -2.50 -5.38
C LEU A 191 -11.59 -1.97 -5.85
N ASP A 192 -10.56 -2.80 -5.75
CA ASP A 192 -9.21 -2.43 -6.19
C ASP A 192 -8.96 -3.13 -7.50
N THR A 193 -8.59 -2.37 -8.53
CA THR A 193 -8.38 -2.89 -9.88
C THR A 193 -7.04 -2.41 -10.43
N GLU A 194 -6.62 -2.97 -11.56
CA GLU A 194 -5.34 -2.63 -12.17
C GLU A 194 -4.16 -2.87 -11.22
N LEU A 195 -4.27 -3.89 -10.36
CA LEU A 195 -3.17 -4.22 -9.44
C LEU A 195 -1.91 -4.56 -10.22
N THR A 196 -0.83 -3.83 -9.93
CA THR A 196 0.38 -3.95 -10.73
C THR A 196 1.59 -3.74 -9.83
N MET A 197 2.66 -4.48 -10.08
CA MET A 197 3.94 -4.16 -9.44
CA MET A 197 3.95 -4.19 -9.44
C MET A 197 4.96 -3.78 -10.50
N VAL A 198 5.81 -2.80 -10.20
CA VAL A 198 6.77 -2.33 -11.19
C VAL A 198 8.15 -2.25 -10.54
N ARG A 199 9.18 -2.70 -11.24
CA ARG A 199 10.53 -2.60 -10.68
C ARG A 199 10.99 -1.15 -10.47
N GLU A 200 11.66 -0.90 -9.35
CA GLU A 200 12.24 0.42 -9.08
C GLU A 200 13.73 0.33 -8.76
N ASP A 201 14.28 -0.88 -8.78
CA ASP A 201 15.63 -1.13 -8.29
C ASP A 201 16.70 -0.87 -9.35
N ASN A 202 17.96 -1.07 -8.98
CA ASN A 202 19.06 -0.99 -9.94
C ASN A 202 19.91 -2.26 -9.96
N PHE A 203 19.31 -3.38 -9.57
CA PHE A 203 20.09 -4.57 -9.27
C PHE A 203 20.71 -5.23 -10.51
N ASP A 204 20.14 -4.96 -11.67
CA ASP A 204 20.62 -5.58 -12.91
C ASP A 204 21.48 -4.60 -13.71
N GLY A 205 21.88 -3.52 -13.06
CA GLY A 205 22.68 -2.50 -13.71
C GLY A 205 21.87 -1.48 -14.48
N VAL A 206 20.55 -1.63 -14.49
CA VAL A 206 19.70 -0.62 -15.12
C VAL A 206 19.30 0.40 -14.06
N ASP A 207 19.67 1.66 -14.27
CA ASP A 207 19.39 2.69 -13.27
C ASP A 207 17.99 3.22 -13.46
N ARG A 208 17.02 2.64 -12.77
CA ARG A 208 15.62 2.98 -13.01
C ARG A 208 15.22 4.35 -12.46
N THR A 209 15.88 4.77 -11.37
CA THR A 209 15.44 5.93 -10.61
C THR A 209 16.34 7.17 -10.74
N HIS A 210 17.59 6.98 -11.14
CA HIS A 210 18.54 8.11 -11.22
C HIS A 210 18.59 8.94 -9.92
N LYS A 211 18.76 8.27 -8.79
CA LYS A 211 18.89 8.93 -7.49
C LYS A 211 17.59 9.45 -6.88
N ASN A 212 16.48 9.36 -7.62
CA ASN A 212 15.20 9.81 -7.10
C ASN A 212 14.54 8.72 -6.25
N TRP A 213 13.57 9.10 -5.43
CA TRP A 213 12.84 8.14 -4.60
C TRP A 213 11.83 7.27 -5.37
N ARG A 214 11.58 7.63 -6.63
CA ARG A 214 10.65 6.88 -7.47
C ARG A 214 11.05 7.09 -8.92
N ARG A 215 10.86 6.07 -9.76
CA ARG A 215 11.15 6.30 -11.17
C ARG A 215 10.16 7.33 -11.72
N THR A 216 10.61 8.11 -12.72
CA THR A 216 9.77 9.18 -13.24
C THR A 216 9.47 9.03 -14.72
N ASP A 217 9.74 7.85 -15.27
CA ASP A 217 9.38 7.56 -16.66
C ASP A 217 7.95 7.05 -16.76
N ILE A 218 7.29 6.87 -15.62
CA ILE A 218 5.86 6.61 -15.58
C ILE A 218 5.21 7.52 -14.55
N GLY A 219 3.89 7.64 -14.64
CA GLY A 219 3.13 8.35 -13.64
C GLY A 219 2.12 7.38 -13.05
N VAL A 220 0.84 7.62 -13.30
CA VAL A 220 -0.18 6.66 -12.91
C VAL A 220 -0.88 6.15 -14.17
N ASP A 221 -0.15 6.19 -15.28
CA ASP A 221 -0.69 5.83 -16.61
C ASP A 221 -0.61 4.33 -16.87
N TRP A 222 -1.31 3.57 -16.03
CA TRP A 222 -1.47 2.15 -16.20
C TRP A 222 -2.05 1.89 -17.59
N PRO A 223 -1.61 0.80 -18.25
CA PRO A 223 -0.70 -0.24 -17.78
C PRO A 223 0.80 0.00 -18.06
N PHE A 224 1.21 1.26 -18.16
CA PHE A 224 2.64 1.59 -18.27
C PHE A 224 3.28 0.99 -19.51
N LYS A 225 2.63 1.18 -20.66
CA LYS A 225 3.07 0.54 -21.90
C LYS A 225 4.47 1.01 -22.34
N GLN A 226 4.91 2.15 -21.83
CA GLN A 226 6.20 2.70 -22.26
C GLN A 226 7.37 1.98 -21.65
N LEU A 227 7.09 1.15 -20.65
CA LEU A 227 8.18 0.45 -19.94
C LEU A 227 8.54 -0.88 -20.56
N ASP A 228 9.75 -1.34 -20.26
CA ASP A 228 10.18 -2.69 -20.55
C ASP A 228 9.21 -3.65 -19.85
N ASP A 229 8.51 -4.51 -20.60
CA ASP A 229 7.45 -5.26 -19.92
C ASP A 229 7.96 -6.27 -18.89
N LYS A 230 9.24 -6.61 -18.95
CA LYS A 230 9.84 -7.44 -17.91
C LYS A 230 9.93 -6.70 -16.55
N ASP A 231 9.74 -5.38 -16.57
CA ASP A 231 9.75 -4.63 -15.32
C ASP A 231 8.38 -4.66 -14.64
N ILE A 232 7.40 -5.28 -15.29
CA ILE A 232 6.02 -5.17 -14.81
C ILE A 232 5.38 -6.51 -14.50
N CYS A 233 4.70 -6.59 -13.37
CA CYS A 233 3.89 -7.75 -13.01
C CYS A 233 2.44 -7.30 -12.91
N ARG A 234 1.61 -7.79 -13.82
CA ARG A 234 0.18 -7.48 -13.79
C ARG A 234 -0.53 -8.58 -13.01
N PHE A 235 -1.13 -8.22 -11.89
CA PHE A 235 -1.74 -9.19 -11.00
C PHE A 235 -2.99 -9.79 -11.66
N PRO A 236 -3.20 -11.12 -11.52
CA PRO A 236 -4.31 -11.74 -12.26
C PRO A 236 -5.67 -11.66 -11.55
N TYR A 237 -5.82 -10.76 -10.59
CA TYR A 237 -7.10 -10.60 -9.91
C TYR A 237 -7.33 -9.16 -9.54
N ALA A 238 -8.59 -8.79 -9.39
CA ALA A 238 -8.93 -7.55 -8.69
C ALA A 238 -9.33 -7.95 -7.28
N VAL A 239 -9.40 -6.97 -6.37
CA VAL A 239 -9.73 -7.29 -4.98
C VAL A 239 -10.99 -6.55 -4.53
N LEU A 240 -11.97 -7.30 -4.03
CA LEU A 240 -13.21 -6.74 -3.49
C LEU A 240 -13.12 -6.76 -1.99
N GLU A 241 -13.44 -5.64 -1.34
CA GLU A 241 -13.46 -5.63 0.11
C GLU A 241 -14.85 -5.24 0.55
N VAL A 242 -15.46 -6.06 1.41
CA VAL A 242 -16.80 -5.78 1.92
C VAL A 242 -16.69 -5.58 3.41
N LYS A 243 -17.16 -4.44 3.90
CA LYS A 243 -17.22 -4.22 5.34
C LYS A 243 -18.67 -4.14 5.77
N LEU A 244 -19.01 -4.94 6.77
CA LEU A 244 -20.37 -5.01 7.28
C LEU A 244 -20.43 -4.48 8.70
N GLN A 245 -21.55 -3.83 9.01
CA GLN A 245 -21.93 -3.54 10.39
C GLN A 245 -23.34 -4.09 10.53
N THR A 246 -23.45 -5.20 11.26
CA THR A 246 -24.70 -5.94 11.31
C THR A 246 -25.27 -5.90 12.72
N GLN A 247 -26.43 -5.29 12.86
CA GLN A 247 -27.10 -5.29 14.15
C GLN A 247 -27.33 -6.72 14.59
N LEU A 248 -26.73 -7.09 15.72
CA LEU A 248 -26.99 -8.39 16.32
C LEU A 248 -28.34 -8.32 17.01
N GLY A 249 -29.27 -9.17 16.58
CA GLY A 249 -28.98 -10.19 15.60
C GLY A 249 -29.85 -10.14 14.34
N GLN A 250 -29.42 -9.34 13.38
CA GLN A 250 -30.03 -9.32 12.06
C GLN A 250 -29.06 -9.96 11.06
N GLU A 251 -29.44 -9.93 9.79
CA GLU A 251 -28.61 -10.48 8.72
C GLU A 251 -28.11 -9.34 7.82
N PRO A 252 -26.95 -9.56 7.16
CA PRO A 252 -26.58 -8.59 6.12
C PRO A 252 -27.63 -8.64 5.00
N PRO A 253 -27.75 -7.56 4.23
CA PRO A 253 -28.73 -7.53 3.13
C PRO A 253 -28.59 -8.75 2.23
N GLU A 254 -29.71 -9.27 1.78
CA GLU A 254 -29.73 -10.47 0.96
C GLU A 254 -28.86 -10.34 -0.30
N TRP A 255 -28.81 -9.15 -0.89
CA TRP A 255 -28.06 -8.97 -2.13
C TRP A 255 -26.56 -9.18 -1.93
N VAL A 256 -26.08 -8.83 -0.74
CA VAL A 256 -24.67 -8.98 -0.41
C VAL A 256 -24.33 -10.44 -0.18
N ARG A 257 -25.22 -11.13 0.54
CA ARG A 257 -25.03 -12.55 0.79
C ARG A 257 -25.00 -13.32 -0.53
N GLU A 258 -25.88 -12.95 -1.44
CA GLU A 258 -25.93 -13.57 -2.76
C GLU A 258 -24.64 -13.28 -3.53
N LEU A 259 -24.26 -12.02 -3.59
CA LEU A 259 -23.04 -11.64 -4.30
C LEU A 259 -21.83 -12.42 -3.78
N VAL A 260 -21.59 -12.36 -2.47
CA VAL A 260 -20.41 -12.98 -1.88
C VAL A 260 -20.44 -14.51 -1.96
N GLY A 261 -21.63 -15.08 -2.17
CA GLY A 261 -21.77 -16.51 -2.32
C GLY A 261 -21.74 -16.95 -3.76
N SER A 262 -21.60 -15.99 -4.68
CA SER A 262 -21.65 -16.28 -6.11
C SER A 262 -20.28 -16.66 -6.68
N HIS A 263 -20.27 -16.98 -7.97
CA HIS A 263 -19.05 -17.43 -8.65
C HIS A 263 -18.14 -16.26 -8.98
N LEU A 264 -18.67 -15.05 -8.83
CA LEU A 264 -17.95 -13.82 -9.17
C LEU A 264 -16.81 -13.50 -8.21
N VAL A 265 -16.86 -14.06 -7.00
CA VAL A 265 -15.86 -13.73 -6.00
C VAL A 265 -15.42 -14.94 -5.21
N GLU A 266 -14.21 -14.88 -4.66
CA GLU A 266 -13.70 -15.92 -3.77
C GLU A 266 -12.93 -15.31 -2.60
N PRO A 267 -13.23 -15.72 -1.35
CA PRO A 267 -12.52 -15.14 -0.19
C PRO A 267 -11.02 -15.42 -0.28
N VAL A 268 -10.18 -14.49 0.18
CA VAL A 268 -8.73 -14.68 0.17
C VAL A 268 -8.05 -14.25 1.46
N PRO A 269 -6.91 -14.87 1.79
CA PRO A 269 -6.21 -14.44 3.00
C PRO A 269 -5.37 -13.20 2.76
N LYS A 270 -4.77 -12.67 3.81
CA LYS A 270 -3.82 -11.58 3.74
C LYS A 270 -2.69 -11.90 2.77
N PHE A 271 -2.40 -10.97 1.88
CA PHE A 271 -1.41 -11.18 0.85
C PHE A 271 -0.50 -9.96 0.70
N SER A 272 0.79 -10.14 0.91
CA SER A 272 1.72 -9.01 0.82
C SER A 272 2.09 -8.68 -0.62
N LYS A 273 1.83 -7.45 -1.06
CA LYS A 273 2.22 -7.03 -2.40
C LYS A 273 3.71 -6.82 -2.49
N PHE A 274 4.32 -6.38 -1.38
CA PHE A 274 5.77 -6.22 -1.31
C PHE A 274 6.42 -7.57 -1.60
N ILE A 275 5.97 -8.59 -0.86
CA ILE A 275 6.55 -9.91 -1.04
C ILE A 275 6.25 -10.45 -2.44
N HIS A 276 5.01 -10.32 -2.90
CA HIS A 276 4.69 -10.84 -4.24
C HIS A 276 5.50 -10.15 -5.32
N GLY A 277 5.67 -8.84 -5.18
CA GLY A 277 6.40 -8.09 -6.18
C GLY A 277 7.86 -8.50 -6.28
N VAL A 278 8.53 -8.60 -5.14
CA VAL A 278 9.93 -8.98 -5.11
C VAL A 278 10.09 -10.40 -5.63
N ALA A 279 9.25 -11.31 -5.11
CA ALA A 279 9.39 -12.73 -5.46
C ALA A 279 9.18 -12.95 -6.94
N THR A 280 8.33 -12.12 -7.54
CA THR A 280 7.97 -12.30 -8.95
C THR A 280 8.95 -11.59 -9.88
N LEU A 281 9.25 -10.33 -9.56
CA LEU A 281 10.07 -9.51 -10.46
C LEU A 281 11.56 -9.76 -10.29
N LEU A 282 11.96 -10.17 -9.09
CA LEU A 282 13.36 -10.44 -8.80
C LEU A 282 13.50 -11.90 -8.41
N ASN A 283 12.77 -12.76 -9.09
CA ASN A 283 12.77 -14.18 -8.74
CA ASN A 283 12.76 -14.18 -8.77
C ASN A 283 14.17 -14.80 -8.78
N ASP A 284 15.03 -14.31 -9.68
CA ASP A 284 16.38 -14.84 -9.81
C ASP A 284 17.28 -14.46 -8.64
N LYS A 285 16.80 -13.52 -7.83
CA LYS A 285 17.62 -12.98 -6.78
C LYS A 285 17.27 -13.55 -5.41
N VAL A 286 16.04 -14.00 -5.24
CA VAL A 286 15.57 -14.50 -3.96
C VAL A 286 15.81 -15.99 -3.82
N ASP A 287 16.01 -16.45 -2.59
CA ASP A 287 16.27 -17.87 -2.37
C ASP A 287 15.20 -18.47 -1.48
N SER A 288 14.16 -17.68 -1.25
CA SER A 288 12.96 -18.14 -0.58
C SER A 288 11.79 -17.41 -1.20
N ILE A 289 10.84 -18.18 -1.71
CA ILE A 289 9.66 -17.65 -2.38
C ILE A 289 8.43 -18.23 -1.73
N PRO A 290 7.43 -17.38 -1.42
CA PRO A 290 6.19 -17.83 -0.79
C PRO A 290 5.58 -19.00 -1.54
P PO4 B . 2.20 -5.07 2.07
O1 PO4 B . 1.84 -5.63 3.42
O2 PO4 B . 3.44 -5.76 1.57
O3 PO4 B . 1.09 -5.28 1.06
O4 PO4 B . 2.46 -3.59 2.21
P PO4 C . -2.27 4.12 4.58
O1 PO4 C . -2.76 4.69 5.90
O2 PO4 C . -1.21 3.11 4.85
O3 PO4 C . -3.42 3.46 3.85
O4 PO4 C . -1.72 5.25 3.73
P PO4 D . 1.10 -8.74 10.36
O1 PO4 D . 2.47 -8.32 10.86
O2 PO4 D . 0.71 -10.04 11.00
O3 PO4 D . 0.08 -7.68 10.68
O4 PO4 D . 1.19 -8.91 8.86
P PO4 E . 22.75 -0.75 -4.81
O1 PO4 E . 23.88 -1.75 -4.65
O2 PO4 E . 21.61 -1.48 -5.50
O3 PO4 E . 22.29 -0.29 -3.44
O4 PO4 E . 23.22 0.42 -5.63
C1 EDO F . -7.42 -6.39 -12.66
O1 EDO F . -7.89 -5.03 -12.79
C2 EDO F . -6.07 -6.41 -11.94
O2 EDO F . -6.28 -6.02 -10.58
#